data_7AKO
#
_entry.id   7AKO
#
_cell.length_a   60.339
_cell.length_b   64.454
_cell.length_c   97.082
_cell.angle_alpha   90.000
_cell.angle_beta   96.318
_cell.angle_gamma   90.000
#
_symmetry.space_group_name_H-M   'P 1 21 1'
#
loop_
_entity.id
_entity.type
_entity.pdbx_description
1 polymer 'Serine/threonine-protein kinase Chk1'
2 polymer Claspin
3 non-polymer STAUROSPORINE
4 non-polymer 1,2-ETHANEDIOL
5 non-polymer 'ZINC ION'
6 water water
#
loop_
_entity_poly.entity_id
_entity_poly.type
_entity_poly.pdbx_seq_one_letter_code
_entity_poly.pdbx_strand_id
1 'polypeptide(L)'
;GPGSAVPFVEDWRLVQTLGEGAYGEVQLAVNRVTEEAVAVKIVDMKRAVDCPENIKKEICINKMLNHENVVKFYGHRREG
NIQYLFLEYCSGGELFDRIEPDIGMPEPDAQRFFHQLMAGVVYLHGIGITHRDIKPENLLLDERDNLKISDFGLATVFRY
NNRERLLNKMCGTLPYVAPELLKRREFHAEPVDVWSCGIVLTAMLAGELPWDQPSDSCQEYSDWKEKKTYLNPWKKIDSA
PLALLHKILVENPSARITIPDIKKDRWYNKPLKKGAKRPRVTSGGVSESPSGHHHHHHHH
;
A,B
2 'polypeptide(L)' MEELLNLC(SEP)GKFTSQD C,D
#
loop_
_chem_comp.id
_chem_comp.type
_chem_comp.name
_chem_comp.formula
EDO non-polymer 1,2-ETHANEDIOL 'C2 H6 O2'
STU non-polymer STAUROSPORINE 'C28 H26 N4 O3'
ZN non-polymer 'ZINC ION' 'Zn 2'
#
# COMPACT_ATOMS: atom_id res chain seq x y z
N ALA A 5 -14.15 34.23 -5.03
CA ALA A 5 -14.00 35.59 -4.55
C ALA A 5 -15.35 36.28 -4.39
N VAL A 6 -16.41 35.58 -4.79
CA VAL A 6 -17.77 36.13 -4.79
C VAL A 6 -18.62 35.29 -3.84
N PRO A 7 -19.60 35.90 -3.14
CA PRO A 7 -20.50 35.09 -2.31
C PRO A 7 -21.20 34.03 -3.16
N PHE A 8 -21.46 32.88 -2.53
CA PHE A 8 -21.95 31.72 -3.26
C PHE A 8 -23.18 32.05 -4.09
N VAL A 9 -24.17 32.71 -3.46
CA VAL A 9 -25.44 33.00 -4.11
C VAL A 9 -25.28 33.91 -5.33
N GLU A 10 -24.21 34.69 -5.40
CA GLU A 10 -24.04 35.58 -6.55
C GLU A 10 -23.70 34.80 -7.81
N ASP A 11 -22.92 33.73 -7.69
CA ASP A 11 -22.60 32.91 -8.86
C ASP A 11 -23.56 31.77 -9.09
N TRP A 12 -24.33 31.36 -8.08
CA TRP A 12 -25.16 30.16 -8.17
C TRP A 12 -26.60 30.46 -7.76
N ARG A 13 -27.54 30.07 -8.60
CA ARG A 13 -28.96 30.07 -8.27
C ARG A 13 -29.35 28.68 -7.77
N LEU A 14 -29.76 28.60 -6.50
CA LEU A 14 -30.19 27.34 -5.91
C LEU A 14 -31.62 27.03 -6.33
N VAL A 15 -31.81 25.86 -6.95
CA VAL A 15 -33.08 25.51 -7.58
C VAL A 15 -33.90 24.56 -6.71
N GLN A 16 -33.26 23.59 -6.08
CA GLN A 16 -33.99 22.52 -5.39
C GLN A 16 -33.03 21.80 -4.48
N THR A 17 -33.54 21.35 -3.33
CA THR A 17 -32.78 20.47 -2.46
C THR A 17 -32.87 19.04 -2.99
N LEU A 18 -31.74 18.46 -3.38
CA LEU A 18 -31.73 17.07 -3.83
C LEU A 18 -31.78 16.10 -2.66
N GLY A 19 -31.09 16.42 -1.57
CA GLY A 19 -31.09 15.55 -0.41
C GLY A 19 -30.48 16.26 0.77
N GLU A 20 -30.71 15.69 1.95
CA GLU A 20 -30.24 16.27 3.20
C GLU A 20 -29.81 15.16 4.15
N GLY A 21 -28.81 15.46 4.97
CA GLY A 21 -28.38 14.55 6.02
C GLY A 21 -27.81 15.30 7.19
N ALA A 22 -27.25 14.58 8.17
CA ALA A 22 -26.53 15.26 9.24
C ALA A 22 -25.34 16.03 8.69
N TYR A 23 -24.70 15.50 7.64
CA TYR A 23 -23.70 16.22 6.86
C TYR A 23 -24.10 17.67 6.63
N GLY A 24 -25.26 17.84 6.01
CA GLY A 24 -25.69 19.11 5.46
C GLY A 24 -26.70 18.82 4.37
N GLU A 25 -26.47 19.32 3.17
CA GLU A 25 -27.46 19.21 2.11
C GLU A 25 -26.78 18.94 0.79
N VAL A 26 -27.55 18.44 -0.18
CA VAL A 26 -27.13 18.45 -1.57
C VAL A 26 -28.18 19.22 -2.36
N GLN A 27 -27.72 20.21 -3.12
CA GLN A 27 -28.59 21.14 -3.83
C GLN A 27 -28.31 21.09 -5.33
N LEU A 28 -29.35 21.32 -6.11
CA LEU A 28 -29.20 21.60 -7.53
C LEU A 28 -28.97 23.10 -7.70
N ALA A 29 -27.82 23.45 -8.25
CA ALA A 29 -27.43 24.84 -8.46
C ALA A 29 -27.24 25.08 -9.95
N VAL A 30 -27.70 26.23 -10.42
CA VAL A 30 -27.52 26.63 -11.81
C VAL A 30 -26.64 27.87 -11.83
N ASN A 31 -25.63 27.84 -12.69
CA ASN A 31 -24.70 28.96 -12.78
C ASN A 31 -25.38 30.15 -13.43
N ARG A 32 -25.29 31.31 -12.78
CA ARG A 32 -26.06 32.46 -13.25
C ARG A 32 -25.57 32.99 -14.60
N VAL A 33 -24.32 32.74 -14.97
CA VAL A 33 -23.76 33.27 -16.22
C VAL A 33 -23.64 32.19 -17.28
N THR A 34 -23.27 30.96 -16.92
CA THR A 34 -23.13 29.88 -17.89
C THR A 34 -24.38 29.04 -18.04
N GLU A 35 -25.30 29.10 -17.08
CA GLU A 35 -26.55 28.35 -17.05
C GLU A 35 -26.33 26.85 -16.88
N GLU A 36 -25.12 26.41 -16.55
CA GLU A 36 -24.85 24.99 -16.35
C GLU A 36 -25.38 24.52 -14.99
N ALA A 37 -25.90 23.30 -14.96
CA ALA A 37 -26.42 22.72 -13.73
C ALA A 37 -25.34 21.87 -13.07
N VAL A 38 -25.29 21.94 -11.74
CA VAL A 38 -24.31 21.24 -10.93
C VAL A 38 -25.01 20.82 -9.65
N ALA A 39 -24.65 19.65 -9.12
CA ALA A 39 -25.07 19.30 -7.77
C ALA A 39 -24.00 19.81 -6.83
N VAL A 40 -24.41 20.31 -5.67
CA VAL A 40 -23.46 20.86 -4.72
C VAL A 40 -23.75 20.25 -3.35
N LYS A 41 -22.77 19.52 -2.83
CA LYS A 41 -22.84 19.02 -1.47
C LYS A 41 -22.34 20.14 -0.55
N ILE A 42 -23.12 20.43 0.48
CA ILE A 42 -22.86 21.53 1.41
C ILE A 42 -22.71 20.92 2.78
N VAL A 43 -21.55 21.15 3.40
CA VAL A 43 -21.19 20.56 4.68
C VAL A 43 -20.91 21.67 5.67
N ASP A 44 -21.64 21.67 6.78
CA ASP A 44 -21.37 22.60 7.87
C ASP A 44 -20.21 22.04 8.69
N MET A 45 -19.03 22.66 8.56
CA MET A 45 -17.81 22.14 9.18
C MET A 45 -17.84 22.18 10.69
N LYS A 46 -18.85 22.82 11.30
CA LYS A 46 -18.93 22.90 12.75
C LYS A 46 -19.65 21.72 13.38
N ARG A 47 -20.29 20.86 12.58
CA ARG A 47 -20.99 19.69 13.09
C ARG A 47 -20.02 18.52 13.23
N ALA A 48 -19.86 18.03 14.47
CA ALA A 48 -19.00 16.91 14.82
C ALA A 48 -17.52 17.24 14.64
N VAL A 49 -16.67 16.70 15.52
CA VAL A 49 -15.26 17.04 15.51
C VAL A 49 -14.51 16.33 14.38
N ASP A 50 -15.02 15.19 13.92
CA ASP A 50 -14.38 14.44 12.84
C ASP A 50 -14.67 15.02 11.47
N CYS A 51 -15.42 16.13 11.39
CA CYS A 51 -15.79 16.69 10.10
C CYS A 51 -14.60 17.07 9.23
N PRO A 52 -13.52 17.69 9.73
CA PRO A 52 -12.41 18.03 8.83
C PRO A 52 -11.75 16.83 8.18
N GLU A 53 -11.42 15.79 8.94
CA GLU A 53 -10.68 14.67 8.37
C GLU A 53 -11.54 13.86 7.41
N ASN A 54 -12.81 13.63 7.76
CA ASN A 54 -13.69 12.86 6.89
C ASN A 54 -13.86 13.55 5.54
N ILE A 55 -14.02 14.87 5.54
CA ILE A 55 -14.21 15.57 4.29
C ILE A 55 -12.90 15.66 3.52
N LYS A 56 -11.75 15.70 4.23
CA LYS A 56 -10.46 15.64 3.55
C LYS A 56 -10.32 14.34 2.78
N LYS A 57 -10.66 13.22 3.43
CA LYS A 57 -10.61 11.93 2.78
C LYS A 57 -11.56 11.86 1.59
N GLU A 58 -12.81 12.33 1.77
CA GLU A 58 -13.76 12.28 0.67
C GLU A 58 -13.31 13.12 -0.51
N ILE A 59 -12.75 14.32 -0.25
CA ILE A 59 -12.26 15.15 -1.32
C ILE A 59 -11.11 14.46 -2.06
N CYS A 60 -10.18 13.85 -1.31
CA CYS A 60 -9.07 13.15 -1.93
C CYS A 60 -9.57 12.03 -2.85
N ILE A 61 -10.52 11.24 -2.35
CA ILE A 61 -11.05 10.14 -3.14
C ILE A 61 -11.75 10.68 -4.38
N ASN A 62 -12.55 11.75 -4.23
CA ASN A 62 -13.22 12.33 -5.38
C ASN A 62 -12.23 12.87 -6.40
N LYS A 63 -11.09 13.39 -5.95
CA LYS A 63 -10.05 13.78 -6.88
C LYS A 63 -9.51 12.58 -7.64
N MET A 64 -9.66 11.38 -7.10
CA MET A 64 -9.18 10.23 -7.87
C MET A 64 -10.12 9.77 -8.99
N LEU A 65 -11.37 10.23 -9.04
CA LEU A 65 -12.41 9.58 -9.85
C LEU A 65 -12.49 10.19 -11.25
N ASN A 66 -12.43 9.32 -12.27
CA ASN A 66 -12.54 9.78 -13.66
C ASN A 66 -13.09 8.64 -14.52
N HIS A 67 -14.42 8.46 -14.47
CA HIS A 67 -15.06 7.42 -15.23
C HIS A 67 -16.49 7.86 -15.56
N GLU A 68 -16.98 7.46 -16.74
CA GLU A 68 -18.31 7.90 -17.18
C GLU A 68 -19.45 7.31 -16.35
N ASN A 69 -19.21 6.25 -15.57
CA ASN A 69 -20.24 5.70 -14.72
C ASN A 69 -19.98 6.00 -13.24
N VAL A 70 -19.20 7.04 -12.96
CA VAL A 70 -18.99 7.57 -11.62
C VAL A 70 -19.26 9.07 -11.67
N VAL A 71 -20.03 9.57 -10.71
CA VAL A 71 -20.30 11.01 -10.59
C VAL A 71 -18.99 11.80 -10.61
N LYS A 72 -18.88 12.76 -11.52
CA LYS A 72 -17.65 13.52 -11.63
C LYS A 72 -17.56 14.59 -10.55
N PHE A 73 -16.33 14.86 -10.11
CA PHE A 73 -16.04 15.87 -9.10
C PHE A 73 -15.41 17.08 -9.78
N TYR A 74 -16.09 18.22 -9.72
CA TYR A 74 -15.62 19.44 -10.38
C TYR A 74 -14.67 20.27 -9.53
N GLY A 75 -14.81 20.25 -8.21
CA GLY A 75 -13.95 21.03 -7.35
C GLY A 75 -14.63 21.30 -6.02
N HIS A 76 -13.93 22.07 -5.19
CA HIS A 76 -14.40 22.38 -3.85
C HIS A 76 -14.10 23.83 -3.49
N ARG A 77 -14.95 24.41 -2.64
CA ARG A 77 -14.78 25.77 -2.14
C ARG A 77 -15.31 25.82 -0.71
N ARG A 78 -14.81 26.79 0.06
CA ARG A 78 -15.22 26.96 1.44
C ARG A 78 -15.52 28.43 1.71
N GLU A 79 -16.68 28.71 2.32
CA GLU A 79 -17.07 30.05 2.74
C GLU A 79 -17.34 30.02 4.25
N GLY A 80 -16.49 30.70 5.01
CA GLY A 80 -16.57 30.56 6.45
C GLY A 80 -16.36 29.11 6.83
N ASN A 81 -17.31 28.56 7.60
CA ASN A 81 -17.27 27.17 8.02
C ASN A 81 -18.22 26.29 7.21
N ILE A 82 -18.51 26.69 5.98
CA ILE A 82 -19.34 25.92 5.06
C ILE A 82 -18.44 25.44 3.92
N GLN A 83 -18.41 24.13 3.70
CA GLN A 83 -17.62 23.53 2.63
C GLN A 83 -18.54 23.11 1.50
N TYR A 84 -18.17 23.45 0.27
CA TYR A 84 -18.91 23.10 -0.93
C TYR A 84 -18.12 22.08 -1.73
N LEU A 85 -18.82 21.06 -2.22
CA LEU A 85 -18.28 20.09 -3.17
C LEU A 85 -19.14 20.14 -4.42
N PHE A 86 -18.53 20.46 -5.55
CA PHE A 86 -19.27 20.60 -6.80
C PHE A 86 -19.19 19.30 -7.57
N LEU A 87 -20.34 18.77 -7.98
CA LEU A 87 -20.45 17.43 -8.52
C LEU A 87 -21.34 17.43 -9.76
N GLU A 88 -21.07 16.48 -10.65
CA GLU A 88 -21.91 16.25 -11.81
C GLU A 88 -23.37 16.08 -11.41
N TYR A 89 -24.25 16.79 -12.10
CA TYR A 89 -25.69 16.66 -11.86
C TYR A 89 -26.25 15.55 -12.73
N CYS A 90 -27.05 14.69 -12.11
CA CYS A 90 -27.67 13.53 -12.76
C CYS A 90 -29.18 13.73 -12.74
N SER A 91 -29.72 14.35 -13.80
CA SER A 91 -31.11 14.78 -13.80
C SER A 91 -32.10 13.62 -13.84
N GLY A 92 -31.67 12.40 -14.15
CA GLY A 92 -32.60 11.29 -14.12
C GLY A 92 -32.93 10.76 -12.75
N GLY A 93 -32.27 11.25 -11.71
CA GLY A 93 -32.59 10.83 -10.37
C GLY A 93 -32.07 9.43 -10.04
N GLU A 94 -32.67 8.84 -9.00
CA GLU A 94 -32.22 7.56 -8.46
C GLU A 94 -32.63 6.40 -9.35
N LEU A 95 -31.72 5.45 -9.53
CA LEU A 95 -32.10 4.16 -10.09
C LEU A 95 -33.26 3.56 -9.33
N PHE A 96 -33.31 3.78 -8.00
CA PHE A 96 -34.41 3.27 -7.18
C PHE A 96 -35.78 3.59 -7.77
N ASP A 97 -35.95 4.81 -8.29
CA ASP A 97 -37.27 5.20 -8.80
C ASP A 97 -37.60 4.62 -10.17
N ARG A 98 -36.68 3.89 -10.80
CA ARG A 98 -37.01 3.17 -12.02
C ARG A 98 -37.45 1.74 -11.76
N ILE A 99 -37.40 1.30 -10.51
CA ILE A 99 -37.75 -0.07 -10.12
C ILE A 99 -39.19 -0.06 -9.65
N GLU A 100 -40.08 -0.63 -10.46
CA GLU A 100 -41.48 -0.73 -10.06
C GLU A 100 -41.62 -1.79 -8.98
N PRO A 101 -42.16 -1.46 -7.80
CA PRO A 101 -42.19 -2.41 -6.69
C PRO A 101 -42.93 -3.69 -7.07
N ASP A 102 -42.37 -4.84 -6.67
CA ASP A 102 -42.80 -6.20 -6.99
C ASP A 102 -42.77 -6.54 -8.48
N ILE A 103 -42.28 -5.66 -9.36
CA ILE A 103 -42.21 -5.91 -10.78
C ILE A 103 -40.78 -5.81 -11.30
N GLY A 104 -40.11 -4.72 -10.98
CA GLY A 104 -38.77 -4.46 -11.47
C GLY A 104 -38.80 -3.58 -12.69
N MET A 105 -38.19 -4.06 -13.76
CA MET A 105 -38.07 -3.33 -15.02
C MET A 105 -37.79 -4.35 -16.11
N PRO A 106 -37.97 -3.96 -17.38
CA PRO A 106 -37.67 -4.90 -18.46
C PRO A 106 -36.26 -5.44 -18.37
N GLU A 107 -36.13 -6.74 -18.61
CA GLU A 107 -34.82 -7.38 -18.51
C GLU A 107 -33.71 -6.69 -19.31
N PRO A 108 -33.94 -6.16 -20.52
CA PRO A 108 -32.84 -5.46 -21.21
C PRO A 108 -32.40 -4.19 -20.50
N ASP A 109 -33.32 -3.49 -19.85
CA ASP A 109 -32.93 -2.30 -19.08
C ASP A 109 -32.11 -2.70 -17.85
N ALA A 110 -32.51 -3.78 -17.18
CA ALA A 110 -31.73 -4.26 -16.05
C ALA A 110 -30.34 -4.71 -16.48
N GLN A 111 -30.24 -5.33 -17.67
CA GLN A 111 -28.92 -5.75 -18.15
C GLN A 111 -28.05 -4.55 -18.47
N ARG A 112 -28.62 -3.55 -19.16
CA ARG A 112 -27.86 -2.35 -19.48
C ARG A 112 -27.35 -1.67 -18.22
N PHE A 113 -28.25 -1.45 -17.25
CA PHE A 113 -27.86 -0.83 -15.99
C PHE A 113 -26.80 -1.64 -15.28
N PHE A 114 -26.93 -2.98 -15.29
CA PHE A 114 -25.96 -3.82 -14.60
C PHE A 114 -24.60 -3.73 -15.28
N HIS A 115 -24.56 -3.69 -16.63
CA HIS A 115 -23.32 -3.43 -17.35
C HIS A 115 -22.66 -2.14 -16.88
N GLN A 116 -23.45 -1.08 -16.75
CA GLN A 116 -22.87 0.21 -16.37
C GLN A 116 -22.40 0.19 -14.92
N LEU A 117 -23.16 -0.45 -14.04
CA LEU A 117 -22.73 -0.62 -12.65
C LEU A 117 -21.41 -1.40 -12.58
N MET A 118 -21.31 -2.50 -13.32
CA MET A 118 -20.08 -3.28 -13.33
C MET A 118 -18.91 -2.46 -13.86
N ALA A 119 -19.14 -1.65 -14.90
CA ALA A 119 -18.06 -0.81 -15.42
C ALA A 119 -17.57 0.14 -14.35
N GLY A 120 -18.50 0.79 -13.64
CA GLY A 120 -18.09 1.71 -12.59
C GLY A 120 -17.39 1.02 -11.42
N VAL A 121 -17.94 -0.10 -10.96
CA VAL A 121 -17.35 -0.77 -9.81
C VAL A 121 -15.98 -1.33 -10.16
N VAL A 122 -15.84 -1.96 -11.32
CA VAL A 122 -14.54 -2.52 -11.66
C VAL A 122 -13.54 -1.40 -11.89
N TYR A 123 -13.99 -0.22 -12.37
CA TYR A 123 -13.09 0.92 -12.42
C TYR A 123 -12.60 1.30 -11.02
N LEU A 124 -13.53 1.43 -10.06
CA LEU A 124 -13.16 1.78 -8.69
C LEU A 124 -12.19 0.76 -8.09
N HIS A 125 -12.49 -0.53 -8.28
CA HIS A 125 -11.60 -1.55 -7.73
C HIS A 125 -10.23 -1.52 -8.40
N GLY A 126 -10.20 -1.18 -9.69
CA GLY A 126 -8.93 -1.07 -10.39
C GLY A 126 -8.02 0.01 -9.82
N ILE A 127 -8.60 1.09 -9.31
CA ILE A 127 -7.81 2.14 -8.67
C ILE A 127 -7.77 1.99 -7.15
N GLY A 128 -8.29 0.89 -6.61
CA GLY A 128 -8.13 0.62 -5.20
C GLY A 128 -9.19 1.19 -4.28
N ILE A 129 -10.29 1.68 -4.83
CA ILE A 129 -11.36 2.30 -4.05
C ILE A 129 -12.53 1.32 -3.92
N THR A 130 -13.08 1.21 -2.73
CA THR A 130 -14.34 0.51 -2.50
C THR A 130 -15.40 1.51 -2.03
N HIS A 131 -16.60 1.42 -2.60
CA HIS A 131 -17.66 2.38 -2.30
C HIS A 131 -18.35 2.07 -0.97
N ARG A 132 -18.69 0.80 -0.73
CA ARG A 132 -19.20 0.22 0.52
C ARG A 132 -20.67 0.53 0.81
N ASP A 133 -21.40 1.22 -0.06
CA ASP A 133 -22.84 1.35 0.16
C ASP A 133 -23.55 1.37 -1.19
N ILE A 134 -23.26 0.38 -2.02
CA ILE A 134 -23.89 0.26 -3.32
C ILE A 134 -25.33 -0.20 -3.13
N LYS A 135 -26.28 0.61 -3.59
CA LYS A 135 -27.71 0.30 -3.56
C LYS A 135 -28.40 1.24 -4.54
N PRO A 136 -29.63 0.93 -4.97
CA PRO A 136 -30.26 1.74 -6.03
C PRO A 136 -30.46 3.19 -5.63
N GLU A 137 -30.53 3.50 -4.34
CA GLU A 137 -30.69 4.88 -3.90
C GLU A 137 -29.42 5.70 -4.11
N ASN A 138 -28.25 5.06 -4.21
CA ASN A 138 -26.99 5.73 -4.44
C ASN A 138 -26.51 5.61 -5.89
N LEU A 139 -27.33 5.07 -6.77
CA LEU A 139 -27.00 4.95 -8.18
C LEU A 139 -27.90 5.91 -8.95
N LEU A 140 -27.31 6.93 -9.56
CA LEU A 140 -28.06 7.99 -10.19
C LEU A 140 -28.04 7.85 -11.72
N LEU A 141 -28.97 8.53 -12.37
CA LEU A 141 -29.12 8.47 -13.81
C LEU A 141 -28.95 9.86 -14.40
N ASP A 142 -28.17 9.98 -15.47
CA ASP A 142 -28.01 11.27 -16.12
C ASP A 142 -29.17 11.47 -17.10
N GLU A 143 -29.11 12.52 -17.91
CA GLU A 143 -30.25 12.84 -18.76
C GLU A 143 -30.43 11.81 -19.88
N ARG A 144 -29.42 11.01 -20.19
CA ARG A 144 -29.55 9.96 -21.17
C ARG A 144 -29.72 8.58 -20.52
N ASP A 145 -30.11 8.56 -19.25
CA ASP A 145 -30.28 7.32 -18.46
C ASP A 145 -29.00 6.50 -18.35
N ASN A 146 -27.83 7.15 -18.40
CA ASN A 146 -26.58 6.49 -18.08
C ASN A 146 -26.38 6.46 -16.56
N LEU A 147 -26.01 5.30 -16.01
CA LEU A 147 -25.88 5.14 -14.57
C LEU A 147 -24.57 5.72 -14.06
N LYS A 148 -24.62 6.33 -12.88
CA LYS A 148 -23.46 6.89 -12.21
C LYS A 148 -23.49 6.54 -10.73
N ILE A 149 -22.38 5.95 -10.26
CA ILE A 149 -22.20 5.67 -8.85
C ILE A 149 -21.96 6.98 -8.13
N SER A 150 -22.69 7.22 -7.05
CA SER A 150 -22.65 8.51 -6.36
CA SER A 150 -22.62 8.50 -6.36
C SER A 150 -22.43 8.30 -4.87
N ASP A 151 -22.07 9.39 -4.20
CA ASP A 151 -21.87 9.50 -2.75
C ASP A 151 -20.75 8.61 -2.26
N PHE A 152 -19.54 9.15 -2.24
CA PHE A 152 -18.38 8.43 -1.73
C PHE A 152 -18.10 8.76 -0.27
N GLY A 153 -19.16 9.08 0.47
CA GLY A 153 -18.99 9.45 1.87
C GLY A 153 -18.50 8.30 2.74
N LEU A 154 -18.79 7.07 2.36
CA LEU A 154 -18.29 5.91 3.08
C LEU A 154 -17.08 5.25 2.41
N ALA A 155 -16.67 5.72 1.23
CA ALA A 155 -15.64 5.04 0.46
C ALA A 155 -14.28 5.13 1.16
N THR A 156 -13.42 4.19 0.80
CA THR A 156 -12.03 4.24 1.27
C THR A 156 -11.16 3.50 0.27
N VAL A 157 -9.85 3.63 0.46
CA VAL A 157 -8.85 2.95 -0.37
C VAL A 157 -8.45 1.67 0.33
N PHE A 158 -8.73 0.53 -0.31
CA PHE A 158 -8.36 -0.76 0.28
C PHE A 158 -7.09 -1.33 -0.32
N ARG A 159 -6.63 -0.81 -1.46
CA ARG A 159 -5.44 -1.33 -2.13
C ARG A 159 -4.72 -0.21 -2.88
N TYR A 160 -3.40 -0.18 -2.73
CA TYR A 160 -2.59 0.76 -3.49
C TYR A 160 -1.21 0.15 -3.72
N ASN A 161 -0.73 0.24 -4.96
CA ASN A 161 0.56 -0.34 -5.33
C ASN A 161 0.62 -1.82 -4.96
N ASN A 162 -0.49 -2.52 -5.19
CA ASN A 162 -0.61 -3.97 -4.92
C ASN A 162 -0.40 -4.32 -3.45
N ARG A 163 -0.61 -3.38 -2.53
CA ARG A 163 -0.71 -3.67 -1.11
C ARG A 163 -2.16 -3.49 -0.69
N GLU A 164 -2.80 -4.59 -0.27
CA GLU A 164 -4.21 -4.59 0.10
C GLU A 164 -4.38 -4.81 1.60
N ARG A 165 -5.28 -4.05 2.20
CA ARG A 165 -5.65 -4.24 3.60
C ARG A 165 -7.06 -4.82 3.68
N LEU A 166 -7.28 -5.67 4.68
CA LEU A 166 -8.62 -6.13 4.98
C LEU A 166 -9.38 -5.03 5.71
N LEU A 167 -10.68 -4.95 5.44
CA LEU A 167 -11.54 -4.03 6.16
C LEU A 167 -12.16 -4.72 7.37
N ASN A 168 -12.57 -3.92 8.35
CA ASN A 168 -13.32 -4.43 9.48
C ASN A 168 -14.50 -3.56 9.87
N LYS A 169 -14.64 -2.36 9.30
CA LYS A 169 -15.70 -1.44 9.69
C LYS A 169 -17.06 -1.95 9.23
N MET A 170 -18.03 -1.87 10.14
CA MET A 170 -19.41 -2.25 9.84
C MET A 170 -20.12 -1.03 9.25
N CYS A 171 -20.38 -1.08 7.95
CA CYS A 171 -21.10 0.00 7.30
C CYS A 171 -21.86 -0.57 6.11
N GLY A 172 -22.69 0.27 5.53
CA GLY A 172 -23.60 -0.13 4.47
C GLY A 172 -25.03 -0.17 4.97
N THR A 173 -25.82 -0.97 4.28
CA THR A 173 -27.27 -1.04 4.49
C THR A 173 -27.62 -2.52 4.47
N LEU A 174 -28.25 -3.01 5.54
CA LEU A 174 -28.33 -4.46 5.81
C LEU A 174 -28.79 -5.29 4.61
N PRO A 175 -29.89 -4.98 3.92
CA PRO A 175 -30.31 -5.84 2.79
C PRO A 175 -29.25 -5.94 1.70
N TYR A 176 -28.31 -4.99 1.62
CA TYR A 176 -27.27 -5.01 0.59
C TYR A 176 -25.94 -5.54 1.07
N VAL A 177 -25.75 -5.73 2.39
CA VAL A 177 -24.42 -6.10 2.87
C VAL A 177 -24.17 -7.58 2.67
N ALA A 178 -22.92 -7.92 2.40
CA ALA A 178 -22.50 -9.29 2.26
C ALA A 178 -22.48 -9.97 3.63
N PRO A 179 -22.73 -11.28 3.69
CA PRO A 179 -22.79 -11.96 5.00
C PRO A 179 -21.47 -11.95 5.75
N GLU A 180 -20.33 -11.99 5.07
CA GLU A 180 -19.06 -12.03 5.81
C GLU A 180 -18.86 -10.78 6.64
N LEU A 181 -19.49 -9.67 6.24
CA LEU A 181 -19.41 -8.45 7.03
C LEU A 181 -20.09 -8.62 8.38
N LEU A 182 -21.15 -9.43 8.44
CA LEU A 182 -21.79 -9.76 9.71
C LEU A 182 -21.04 -10.86 10.45
N LYS A 183 -20.42 -11.79 9.72
CA LYS A 183 -19.90 -12.99 10.33
C LYS A 183 -18.43 -12.91 10.70
N ARG A 184 -17.62 -12.15 9.96
CA ARG A 184 -16.18 -12.16 10.11
C ARG A 184 -15.69 -10.85 10.73
N ARG A 185 -14.58 -10.94 11.45
CA ARG A 185 -14.01 -9.72 12.02
C ARG A 185 -13.28 -8.90 10.97
N GLU A 186 -12.78 -9.53 9.91
CA GLU A 186 -12.10 -8.84 8.81
C GLU A 186 -12.53 -9.46 7.49
N PHE A 187 -12.44 -8.69 6.41
CA PHE A 187 -12.93 -9.16 5.12
C PHE A 187 -12.31 -8.35 3.98
N HIS A 188 -12.25 -8.98 2.81
CA HIS A 188 -11.82 -8.30 1.59
C HIS A 188 -12.95 -7.42 1.07
N ALA A 189 -12.59 -6.25 0.50
CA ALA A 189 -13.58 -5.26 0.09
C ALA A 189 -14.31 -5.65 -1.19
N GLU A 190 -13.57 -6.23 -2.14
CA GLU A 190 -14.12 -6.44 -3.47
C GLU A 190 -15.30 -7.41 -3.49
N PRO A 191 -15.25 -8.57 -2.80
CA PRO A 191 -16.44 -9.42 -2.76
C PRO A 191 -17.63 -8.76 -2.11
N VAL A 192 -17.42 -7.84 -1.16
CA VAL A 192 -18.54 -7.13 -0.54
C VAL A 192 -19.26 -6.28 -1.58
N ASP A 193 -18.49 -5.51 -2.35
CA ASP A 193 -19.09 -4.70 -3.41
C ASP A 193 -19.77 -5.58 -4.46
N VAL A 194 -19.17 -6.72 -4.82
CA VAL A 194 -19.79 -7.63 -5.79
C VAL A 194 -21.14 -8.14 -5.26
N TRP A 195 -21.19 -8.52 -3.99
CA TRP A 195 -22.44 -8.97 -3.38
C TRP A 195 -23.52 -7.90 -3.49
N SER A 196 -23.18 -6.65 -3.13
N SER A 196 -23.18 -6.65 -3.13
CA SER A 196 -24.21 -5.60 -3.18
CA SER A 196 -24.17 -5.58 -3.19
C SER A 196 -24.70 -5.37 -4.60
C SER A 196 -24.69 -5.38 -4.60
N CYS A 197 -23.81 -5.50 -5.59
CA CYS A 197 -24.26 -5.41 -6.99
C CYS A 197 -25.24 -6.51 -7.34
N GLY A 198 -25.01 -7.72 -6.83
CA GLY A 198 -25.98 -8.80 -7.05
C GLY A 198 -27.34 -8.49 -6.44
N ILE A 199 -27.35 -7.89 -5.25
CA ILE A 199 -28.64 -7.50 -4.66
C ILE A 199 -29.32 -6.45 -5.55
N VAL A 200 -28.54 -5.50 -6.06
CA VAL A 200 -29.10 -4.49 -6.96
C VAL A 200 -29.72 -5.14 -8.20
N LEU A 201 -29.03 -6.11 -8.79
CA LEU A 201 -29.57 -6.81 -9.96
C LEU A 201 -30.87 -7.55 -9.63
N THR A 202 -30.90 -8.21 -8.47
CA THR A 202 -32.12 -8.88 -8.03
C THR A 202 -33.28 -7.88 -7.95
N ALA A 203 -33.03 -6.71 -7.35
CA ALA A 203 -34.07 -5.69 -7.21
C ALA A 203 -34.54 -5.18 -8.57
N MET A 204 -33.60 -5.01 -9.52
CA MET A 204 -33.99 -4.54 -10.85
C MET A 204 -34.85 -5.56 -11.56
N LEU A 205 -34.53 -6.84 -11.39
CA LEU A 205 -35.24 -7.88 -12.15
C LEU A 205 -36.59 -8.22 -11.54
N ALA A 206 -36.73 -8.11 -10.22
CA ALA A 206 -37.91 -8.59 -9.53
C ALA A 206 -38.70 -7.51 -8.79
N GLY A 207 -38.13 -6.33 -8.59
CA GLY A 207 -38.84 -5.30 -7.87
C GLY A 207 -38.97 -5.52 -6.39
N GLU A 208 -38.10 -6.34 -5.79
CA GLU A 208 -38.16 -6.57 -4.35
C GLU A 208 -36.81 -7.10 -3.90
N LEU A 209 -36.51 -6.87 -2.62
CA LEU A 209 -35.26 -7.37 -2.06
C LEU A 209 -35.43 -8.81 -1.58
N PRO A 210 -34.41 -9.64 -1.74
CA PRO A 210 -34.55 -11.05 -1.37
C PRO A 210 -34.64 -11.30 0.12
N TRP A 211 -33.99 -10.49 0.95
CA TRP A 211 -34.00 -10.71 2.38
C TRP A 211 -33.67 -9.40 3.09
N ASP A 212 -34.25 -9.22 4.28
CA ASP A 212 -33.95 -7.99 5.00
C ASP A 212 -32.51 -8.01 5.52
N GLN A 213 -31.96 -9.19 5.80
CA GLN A 213 -30.62 -9.32 6.35
C GLN A 213 -30.01 -10.61 5.83
N PRO A 214 -28.72 -10.60 5.45
CA PRO A 214 -28.06 -11.84 4.96
C PRO A 214 -27.67 -12.78 6.08
N SER A 215 -28.65 -13.21 6.86
CA SER A 215 -28.39 -14.02 8.05
C SER A 215 -29.27 -15.25 8.05
N ASP A 216 -28.72 -16.35 8.58
CA ASP A 216 -29.51 -17.57 8.78
C ASP A 216 -30.75 -17.31 9.63
N SER A 217 -30.68 -16.36 10.56
CA SER A 217 -31.86 -16.00 11.33
C SER A 217 -32.90 -15.23 10.51
N CYS A 218 -32.66 -15.03 9.20
CA CYS A 218 -33.64 -14.44 8.31
C CYS A 218 -34.17 -15.56 7.42
N GLN A 219 -35.49 -15.77 7.47
CA GLN A 219 -36.10 -16.93 6.79
C GLN A 219 -35.83 -16.91 5.29
N GLU A 220 -35.97 -15.74 4.65
CA GLU A 220 -35.81 -15.66 3.20
C GLU A 220 -34.38 -15.95 2.77
N TYR A 221 -33.41 -15.57 3.58
CA TYR A 221 -32.02 -15.89 3.27
C TYR A 221 -31.76 -17.39 3.39
N SER A 222 -32.32 -18.04 4.42
CA SER A 222 -32.23 -19.49 4.51
C SER A 222 -32.88 -20.16 3.32
N ASP A 223 -34.05 -19.66 2.90
CA ASP A 223 -34.70 -20.19 1.70
C ASP A 223 -33.77 -20.13 0.49
N TRP A 224 -33.09 -18.99 0.29
CA TRP A 224 -32.15 -18.88 -0.82
C TRP A 224 -31.04 -19.92 -0.69
N LYS A 225 -30.47 -20.06 0.51
CA LYS A 225 -29.41 -21.06 0.67
C LYS A 225 -29.93 -22.47 0.43
N GLU A 226 -31.21 -22.71 0.65
CA GLU A 226 -31.81 -24.01 0.38
C GLU A 226 -32.27 -24.15 -1.06
N LYS A 227 -31.94 -23.17 -1.91
CA LYS A 227 -32.25 -23.21 -3.35
C LYS A 227 -33.75 -23.21 -3.62
N LYS A 228 -34.53 -22.56 -2.78
CA LYS A 228 -35.99 -22.51 -2.95
C LYS A 228 -36.39 -21.42 -3.95
N THR A 229 -35.90 -21.56 -5.18
CA THR A 229 -36.09 -20.53 -6.18
C THR A 229 -37.47 -20.58 -6.86
N TYR A 230 -38.35 -21.50 -6.44
CA TYR A 230 -39.76 -21.38 -6.79
C TYR A 230 -40.48 -20.29 -5.98
N LEU A 231 -39.82 -19.74 -4.96
CA LEU A 231 -40.35 -18.61 -4.20
C LEU A 231 -39.95 -17.28 -4.84
N ASN A 232 -40.70 -16.24 -4.50
CA ASN A 232 -40.28 -14.89 -4.83
C ASN A 232 -39.04 -14.51 -4.03
N PRO A 233 -38.15 -13.67 -4.59
CA PRO A 233 -38.22 -13.01 -5.90
C PRO A 233 -37.78 -13.91 -7.06
N TRP A 234 -37.16 -15.05 -6.73
CA TRP A 234 -36.45 -15.81 -7.75
C TRP A 234 -37.40 -16.32 -8.83
N LYS A 235 -38.64 -16.65 -8.45
CA LYS A 235 -39.64 -17.14 -9.39
C LYS A 235 -39.88 -16.14 -10.52
N LYS A 236 -39.66 -14.86 -10.28
CA LYS A 236 -39.88 -13.84 -11.30
C LYS A 236 -38.70 -13.66 -12.26
N ILE A 237 -37.58 -14.34 -12.02
CA ILE A 237 -36.33 -14.07 -12.72
C ILE A 237 -36.04 -15.20 -13.69
N ASP A 238 -35.79 -14.83 -14.95
CA ASP A 238 -35.45 -15.84 -15.96
C ASP A 238 -34.19 -16.60 -15.55
N SER A 239 -34.08 -17.84 -16.02
CA SER A 239 -33.01 -18.73 -15.54
C SER A 239 -31.61 -18.26 -15.92
N ALA A 240 -31.42 -17.51 -17.02
CA ALA A 240 -30.07 -17.03 -17.34
C ALA A 240 -29.57 -16.00 -16.32
N PRO A 241 -30.28 -14.89 -16.08
CA PRO A 241 -29.84 -14.00 -15.00
C PRO A 241 -29.87 -14.67 -13.64
N LEU A 242 -30.78 -15.64 -13.41
CA LEU A 242 -30.78 -16.34 -12.14
C LEU A 242 -29.50 -17.14 -11.95
N ALA A 243 -28.97 -17.75 -13.02
CA ALA A 243 -27.70 -18.45 -12.89
C ALA A 243 -26.56 -17.50 -12.52
N LEU A 244 -26.56 -16.30 -13.13
CA LEU A 244 -25.60 -15.30 -12.68
C LEU A 244 -25.76 -15.00 -11.18
N LEU A 245 -27.00 -14.77 -10.75
CA LEU A 245 -27.25 -14.48 -9.33
C LEU A 245 -26.80 -15.62 -8.42
N HIS A 246 -26.94 -16.87 -8.89
CA HIS A 246 -26.45 -18.02 -8.12
C HIS A 246 -24.95 -17.96 -7.94
N LYS A 247 -24.23 -17.41 -8.93
CA LYS A 247 -22.79 -17.26 -8.77
C LYS A 247 -22.40 -16.05 -7.91
N ILE A 248 -23.21 -14.99 -7.88
CA ILE A 248 -22.83 -13.79 -7.12
C ILE A 248 -23.21 -13.92 -5.65
N LEU A 249 -24.46 -14.31 -5.37
CA LEU A 249 -24.94 -14.35 -3.99
C LEU A 249 -24.50 -15.66 -3.31
N VAL A 250 -23.18 -15.84 -3.29
CA VAL A 250 -22.54 -17.00 -2.68
C VAL A 250 -22.00 -16.58 -1.32
N GLU A 251 -22.40 -17.30 -0.27
CA GLU A 251 -22.06 -16.86 1.09
C GLU A 251 -20.56 -16.79 1.32
N ASN A 252 -19.81 -17.79 0.88
CA ASN A 252 -18.37 -17.81 1.12
C ASN A 252 -17.69 -16.85 0.17
N PRO A 253 -17.10 -15.76 0.65
CA PRO A 253 -16.52 -14.76 -0.27
C PRO A 253 -15.39 -15.31 -1.13
N SER A 254 -14.65 -16.29 -0.63
CA SER A 254 -13.58 -16.89 -1.44
C SER A 254 -14.12 -17.74 -2.58
N ALA A 255 -15.38 -18.17 -2.51
CA ALA A 255 -15.98 -18.89 -3.61
C ALA A 255 -16.89 -18.01 -4.46
N ARG A 256 -17.09 -16.75 -4.07
CA ARG A 256 -17.92 -15.82 -4.82
C ARG A 256 -17.26 -15.47 -6.15
N ILE A 257 -18.09 -15.27 -7.18
CA ILE A 257 -17.57 -14.93 -8.50
C ILE A 257 -16.96 -13.53 -8.45
N THR A 258 -15.87 -13.35 -9.18
CA THR A 258 -15.23 -12.06 -9.32
C THR A 258 -15.75 -11.37 -10.57
N ILE A 259 -15.46 -10.08 -10.68
CA ILE A 259 -15.98 -9.28 -11.79
C ILE A 259 -15.40 -9.74 -13.12
N PRO A 260 -14.10 -10.08 -13.23
CA PRO A 260 -13.62 -10.66 -14.50
C PRO A 260 -14.43 -11.86 -14.98
N ASP A 261 -14.85 -12.73 -14.06
CA ASP A 261 -15.67 -13.87 -14.46
C ASP A 261 -17.14 -13.52 -14.63
N ILE A 262 -17.62 -12.46 -13.99
CA ILE A 262 -18.95 -11.94 -14.34
C ILE A 262 -18.97 -11.49 -15.79
N LYS A 263 -17.88 -10.86 -16.25
CA LYS A 263 -17.81 -10.40 -17.63
C LYS A 263 -17.88 -11.55 -18.63
N LYS A 264 -17.62 -12.79 -18.19
CA LYS A 264 -17.72 -13.97 -19.04
C LYS A 264 -19.08 -14.67 -18.94
N ASP A 265 -19.96 -14.25 -18.04
CA ASP A 265 -21.23 -14.92 -17.84
C ASP A 265 -22.10 -14.86 -19.10
N ARG A 266 -22.86 -15.94 -19.35
CA ARG A 266 -23.64 -16.05 -20.57
C ARG A 266 -24.72 -14.97 -20.65
N TRP A 267 -25.48 -14.75 -19.58
CA TRP A 267 -26.52 -13.72 -19.62
C TRP A 267 -25.89 -12.34 -19.75
N TYR A 268 -24.80 -12.12 -19.04
CA TYR A 268 -24.10 -10.84 -19.13
C TYR A 268 -23.74 -10.50 -20.57
N ASN A 269 -23.48 -11.51 -21.41
CA ASN A 269 -23.07 -11.31 -22.79
C ASN A 269 -24.18 -11.57 -23.78
N LYS A 270 -25.41 -11.76 -23.32
CA LYS A 270 -26.51 -12.13 -24.20
C LYS A 270 -27.14 -10.88 -24.80
N PRO A 271 -27.23 -10.78 -26.14
CA PRO A 271 -27.95 -9.65 -26.74
C PRO A 271 -29.45 -9.79 -26.46
N LEU A 272 -30.05 -8.73 -25.93
CA LEU A 272 -31.42 -8.77 -25.42
C LEU A 272 -32.33 -7.86 -26.24
N LYS A 273 -33.43 -8.43 -26.76
CA LYS A 273 -34.37 -7.69 -27.58
C LYS A 273 -35.30 -6.87 -26.70
N LYS A 274 -35.37 -5.57 -26.96
CA LYS A 274 -36.17 -4.67 -26.15
C LYS A 274 -37.61 -4.59 -26.65
N SER B 4 -5.45 -1.71 -13.07
CA SER B 4 -6.37 -0.79 -13.74
C SER B 4 -5.90 -0.44 -15.14
N ALA B 5 -6.43 0.67 -15.65
CA ALA B 5 -5.98 1.25 -16.91
C ALA B 5 -5.23 2.56 -16.70
N VAL B 6 -5.07 3.01 -15.46
CA VAL B 6 -4.33 4.24 -15.17
C VAL B 6 -2.84 3.93 -15.20
N PRO B 7 -2.08 4.56 -16.11
CA PRO B 7 -0.66 4.27 -16.19
C PRO B 7 0.13 4.93 -15.06
N PHE B 8 1.33 4.38 -14.82
CA PHE B 8 2.22 4.95 -13.80
C PHE B 8 2.42 6.44 -14.00
N VAL B 9 2.56 6.88 -15.25
CA VAL B 9 2.87 8.28 -15.50
C VAL B 9 1.70 9.21 -15.19
N GLU B 10 0.48 8.70 -15.15
CA GLU B 10 -0.64 9.57 -14.81
C GLU B 10 -0.76 9.78 -13.31
N ASP B 11 -0.21 8.86 -12.51
CA ASP B 11 -0.27 8.98 -11.05
C ASP B 11 0.94 9.68 -10.47
N TRP B 12 2.09 9.61 -11.12
CA TRP B 12 3.35 10.00 -10.51
C TRP B 12 4.14 10.91 -11.43
N ARG B 13 4.58 12.03 -10.88
CA ARG B 13 5.53 12.92 -11.54
C ARG B 13 6.93 12.57 -11.07
N LEU B 14 7.82 12.22 -12.01
CA LEU B 14 9.21 12.00 -11.68
C LEU B 14 9.93 13.34 -11.58
N VAL B 15 10.78 13.47 -10.56
CA VAL B 15 11.30 14.76 -10.15
C VAL B 15 12.82 14.83 -10.24
N GLN B 16 13.51 13.74 -9.92
CA GLN B 16 14.98 13.77 -9.84
C GLN B 16 15.48 12.35 -9.84
N THR B 17 16.66 12.13 -10.43
CA THR B 17 17.26 10.81 -10.38
C THR B 17 18.03 10.68 -9.07
N LEU B 18 17.69 9.68 -8.27
CA LEU B 18 18.37 9.48 -7.01
C LEU B 18 19.62 8.63 -7.18
N GLY B 19 19.56 7.58 -8.01
CA GLY B 19 20.71 6.73 -8.22
C GLY B 19 20.51 5.76 -9.36
N GLU B 20 21.59 5.41 -10.04
CA GLU B 20 21.55 4.47 -11.16
C GLU B 20 21.74 3.05 -10.64
N GLY B 21 22.13 2.13 -11.50
CA GLY B 21 22.39 0.77 -11.08
C GLY B 21 22.29 -0.20 -12.22
N ALA B 22 22.55 -1.46 -11.90
CA ALA B 22 22.45 -2.52 -12.88
C ALA B 22 21.00 -2.79 -13.26
N TYR B 23 20.15 -3.00 -12.26
CA TYR B 23 18.72 -3.21 -12.48
C TYR B 23 18.13 -2.13 -13.37
N GLY B 24 18.19 -0.89 -12.91
CA GLY B 24 17.62 0.24 -13.63
C GLY B 24 18.01 1.54 -12.96
N GLU B 25 17.03 2.24 -12.39
CA GLU B 25 17.33 3.50 -11.72
C GLU B 25 16.40 3.69 -10.54
N VAL B 26 16.73 4.67 -9.70
CA VAL B 26 15.87 5.08 -8.60
C VAL B 26 15.55 6.55 -8.77
N GLN B 27 14.26 6.87 -8.83
CA GLN B 27 13.78 8.21 -9.08
C GLN B 27 13.01 8.71 -7.86
N LEU B 28 13.11 10.00 -7.60
CA LEU B 28 12.16 10.65 -6.70
C LEU B 28 10.88 10.93 -7.48
N ALA B 29 9.74 10.47 -6.96
CA ALA B 29 8.45 10.64 -7.59
C ALA B 29 7.50 11.34 -6.61
N VAL B 30 6.59 12.13 -7.17
CA VAL B 30 5.61 12.88 -6.41
C VAL B 30 4.23 12.56 -6.95
N ASN B 31 3.27 12.28 -6.07
CA ASN B 31 1.96 11.85 -6.49
C ASN B 31 1.16 13.03 -7.04
N ARG B 32 0.53 12.85 -8.21
CA ARG B 32 -0.14 13.97 -8.86
C ARG B 32 -1.39 14.42 -8.12
N VAL B 33 -2.01 13.56 -7.31
CA VAL B 33 -3.19 13.97 -6.53
C VAL B 33 -2.80 14.42 -5.12
N THR B 34 -2.00 13.63 -4.40
CA THR B 34 -1.73 13.88 -2.99
C THR B 34 -0.43 14.63 -2.73
N GLU B 35 0.48 14.67 -3.70
CA GLU B 35 1.80 15.27 -3.55
C GLU B 35 2.69 14.51 -2.58
N GLU B 36 2.31 13.28 -2.24
CA GLU B 36 3.20 12.39 -1.47
C GLU B 36 4.48 12.13 -2.26
N ALA B 37 5.61 12.22 -1.57
CA ALA B 37 6.92 11.96 -2.16
C ALA B 37 7.36 10.54 -1.82
N VAL B 38 7.86 9.82 -2.83
CA VAL B 38 8.28 8.44 -2.68
C VAL B 38 9.51 8.24 -3.58
N ALA B 39 10.36 7.29 -3.21
CA ALA B 39 11.41 6.85 -4.10
C ALA B 39 10.90 5.63 -4.86
N VAL B 40 11.18 5.58 -6.15
CA VAL B 40 10.69 4.52 -7.01
C VAL B 40 11.90 3.88 -7.67
N LYS B 41 12.09 2.60 -7.44
CA LYS B 41 13.11 1.83 -8.12
C LYS B 41 12.47 1.23 -9.37
N ILE B 42 13.00 1.58 -10.53
CA ILE B 42 12.51 1.13 -11.82
C ILE B 42 13.50 0.11 -12.37
N VAL B 43 12.98 -1.08 -12.68
CA VAL B 43 13.79 -2.21 -13.12
C VAL B 43 13.24 -2.67 -14.47
N ASP B 44 14.10 -2.69 -15.48
CA ASP B 44 13.77 -3.28 -16.78
C ASP B 44 14.02 -4.77 -16.68
N MET B 45 12.94 -5.55 -16.60
CA MET B 45 13.09 -6.96 -16.27
C MET B 45 13.61 -7.82 -17.42
N LYS B 46 13.56 -7.33 -18.66
CA LYS B 46 14.19 -8.10 -19.73
C LYS B 46 15.71 -7.99 -19.70
N ARG B 47 16.25 -7.15 -18.82
CA ARG B 47 17.66 -7.23 -18.46
C ARG B 47 17.86 -8.44 -17.56
N ALA B 48 18.54 -9.47 -18.08
CA ALA B 48 18.77 -10.74 -17.41
C ALA B 48 17.47 -11.52 -17.19
N VAL B 49 17.58 -12.86 -17.13
CA VAL B 49 16.39 -13.70 -16.98
C VAL B 49 16.07 -14.02 -15.53
N ASP B 50 17.05 -13.92 -14.63
CA ASP B 50 16.81 -14.15 -13.21
C ASP B 50 16.16 -12.96 -12.52
N CYS B 51 15.86 -11.88 -13.25
CA CYS B 51 15.25 -10.71 -12.63
C CYS B 51 13.86 -10.99 -12.07
N PRO B 52 12.94 -11.64 -12.79
CA PRO B 52 11.63 -11.92 -12.19
C PRO B 52 11.69 -12.63 -10.83
N GLU B 53 12.50 -13.69 -10.70
CA GLU B 53 12.57 -14.38 -9.42
C GLU B 53 13.27 -13.53 -8.36
N ASN B 54 14.34 -12.83 -8.75
CA ASN B 54 15.01 -11.95 -7.80
C ASN B 54 14.10 -10.82 -7.34
N ILE B 55 13.30 -10.27 -8.27
CA ILE B 55 12.37 -9.21 -7.90
C ILE B 55 11.28 -9.75 -6.99
N LYS B 56 10.79 -10.98 -7.26
CA LYS B 56 9.83 -11.60 -6.35
C LYS B 56 10.41 -11.75 -4.95
N LYS B 57 11.65 -12.26 -4.86
CA LYS B 57 12.30 -12.43 -3.57
C LYS B 57 12.43 -11.10 -2.83
N GLU B 58 12.89 -10.06 -3.54
CA GLU B 58 13.08 -8.75 -2.92
C GLU B 58 11.74 -8.17 -2.45
N ILE B 59 10.69 -8.30 -3.27
CA ILE B 59 9.38 -7.80 -2.89
C ILE B 59 8.87 -8.54 -1.66
N CYS B 60 9.00 -9.87 -1.64
CA CYS B 60 8.49 -10.64 -0.52
CA CYS B 60 8.48 -10.63 -0.52
C CYS B 60 9.24 -10.33 0.77
N ILE B 61 10.54 -10.06 0.68
CA ILE B 61 11.29 -9.64 1.87
C ILE B 61 10.86 -8.25 2.30
N ASN B 62 10.69 -7.34 1.35
CA ASN B 62 10.29 -5.98 1.68
C ASN B 62 8.92 -5.95 2.35
N LYS B 63 8.01 -6.83 1.92
CA LYS B 63 6.68 -6.89 2.54
C LYS B 63 6.75 -7.19 4.03
N MET B 64 7.81 -7.82 4.51
CA MET B 64 7.94 -8.18 5.91
C MET B 64 8.41 -7.03 6.80
N LEU B 65 9.03 -6.01 6.22
CA LEU B 65 9.76 -5.01 6.99
C LEU B 65 8.83 -3.90 7.48
N ASN B 66 8.94 -3.57 8.77
CA ASN B 66 8.20 -2.44 9.33
C ASN B 66 8.96 -1.97 10.57
N HIS B 67 9.88 -1.03 10.37
CA HIS B 67 10.70 -0.52 11.46
C HIS B 67 11.22 0.85 11.08
N GLU B 68 11.36 1.71 12.10
CA GLU B 68 11.73 3.10 11.86
C GLU B 68 13.15 3.27 11.33
N ASN B 69 14.01 2.24 11.43
CA ASN B 69 15.36 2.33 10.89
C ASN B 69 15.56 1.46 9.67
N VAL B 70 14.47 1.10 8.98
CA VAL B 70 14.51 0.33 7.75
C VAL B 70 13.61 1.02 6.73
N VAL B 71 14.11 1.18 5.50
CA VAL B 71 13.32 1.81 4.45
C VAL B 71 11.99 1.09 4.30
N LYS B 72 10.89 1.82 4.47
CA LYS B 72 9.56 1.23 4.35
C LYS B 72 9.21 0.95 2.90
N PHE B 73 8.53 -0.17 2.68
CA PHE B 73 8.08 -0.61 1.36
C PHE B 73 6.64 -0.20 1.14
N TYR B 74 6.37 0.52 0.04
CA TYR B 74 5.04 1.02 -0.28
C TYR B 74 4.46 0.33 -1.51
N GLY B 75 4.87 -0.89 -1.78
CA GLY B 75 4.26 -1.69 -2.83
C GLY B 75 5.01 -1.65 -4.15
N HIS B 76 4.33 -2.18 -5.16
CA HIS B 76 4.95 -2.35 -6.47
C HIS B 76 3.87 -2.32 -7.55
N ARG B 77 4.33 -2.03 -8.77
CA ARG B 77 3.48 -2.04 -9.96
C ARG B 77 4.27 -2.57 -11.14
N ARG B 78 3.58 -3.25 -12.05
CA ARG B 78 4.22 -3.80 -13.24
C ARG B 78 3.52 -3.30 -14.49
N GLU B 79 4.30 -2.78 -15.44
CA GLU B 79 3.80 -2.31 -16.73
C GLU B 79 4.64 -2.96 -17.84
N GLY B 80 4.10 -4.01 -18.45
CA GLY B 80 4.84 -4.75 -19.45
C GLY B 80 6.11 -5.35 -18.90
N ASN B 81 7.26 -4.84 -19.34
CA ASN B 81 8.54 -5.31 -18.87
C ASN B 81 9.09 -4.50 -17.70
N ILE B 82 8.42 -3.41 -17.33
CA ILE B 82 8.95 -2.48 -16.33
C ILE B 82 8.35 -2.81 -14.97
N GLN B 83 9.20 -2.84 -13.96
CA GLN B 83 8.78 -3.08 -12.58
C GLN B 83 9.09 -1.84 -11.76
N TYR B 84 8.10 -1.35 -11.02
CA TYR B 84 8.24 -0.23 -10.11
C TYR B 84 8.14 -0.74 -8.69
N LEU B 85 9.10 -0.36 -7.86
CA LEU B 85 9.06 -0.60 -6.42
C LEU B 85 8.97 0.75 -5.74
N PHE B 86 7.96 0.92 -4.90
CA PHE B 86 7.77 2.17 -4.17
C PHE B 86 8.36 2.05 -2.78
N LEU B 87 9.25 2.97 -2.43
CA LEU B 87 10.06 2.92 -1.22
C LEU B 87 10.03 4.27 -0.53
N GLU B 88 10.16 4.24 0.80
CA GLU B 88 10.23 5.46 1.58
C GLU B 88 11.38 6.35 1.12
N TYR B 89 11.08 7.63 0.93
CA TYR B 89 12.07 8.59 0.43
C TYR B 89 12.85 9.18 1.59
N CYS B 90 14.18 9.10 1.50
CA CYS B 90 15.09 9.55 2.55
C CYS B 90 15.87 10.75 2.02
N SER B 91 15.37 11.95 2.30
CA SER B 91 15.89 13.14 1.64
C SER B 91 17.29 13.52 2.11
N GLY B 92 17.82 12.87 3.15
CA GLY B 92 19.17 13.16 3.62
C GLY B 92 20.27 12.46 2.87
N GLY B 93 19.93 11.50 2.00
CA GLY B 93 20.93 10.85 1.18
C GLY B 93 21.72 9.78 1.93
N GLU B 94 22.89 9.46 1.39
CA GLU B 94 23.72 8.39 1.90
C GLU B 94 24.43 8.79 3.18
N LEU B 95 24.53 7.84 4.12
CA LEU B 95 25.43 8.04 5.25
C LEU B 95 26.86 8.30 4.79
N PHE B 96 27.27 7.66 3.69
CA PHE B 96 28.62 7.83 3.14
C PHE B 96 28.98 9.29 2.93
N ASP B 97 28.02 10.11 2.51
CA ASP B 97 28.25 11.53 2.24
C ASP B 97 28.38 12.38 3.50
N ARG B 98 28.17 11.80 4.69
CA ARG B 98 28.43 12.50 5.93
C ARG B 98 29.80 12.18 6.51
N ILE B 99 30.56 11.32 5.86
CA ILE B 99 31.86 10.88 6.34
C ILE B 99 32.94 11.70 5.62
N GLU B 100 33.63 12.55 6.37
CA GLU B 100 34.75 13.30 5.82
C GLU B 100 35.91 12.36 5.54
N PRO B 101 36.43 12.30 4.31
CA PRO B 101 37.49 11.34 4.00
C PRO B 101 38.71 11.54 4.89
N ASP B 102 39.21 10.43 5.44
CA ASP B 102 40.39 10.42 6.30
C ASP B 102 40.15 11.10 7.64
N ILE B 103 38.94 11.60 7.88
CA ILE B 103 38.58 12.27 9.12
C ILE B 103 37.44 11.56 9.84
N GLY B 104 36.37 11.25 9.13
CA GLY B 104 35.20 10.62 9.72
C GLY B 104 34.12 11.64 10.05
N MET B 105 33.66 11.62 11.30
CA MET B 105 32.62 12.55 11.75
C MET B 105 32.73 12.67 13.27
N PRO B 106 32.13 13.71 13.85
CA PRO B 106 32.16 13.83 15.32
C PRO B 106 31.62 12.60 16.02
N GLU B 107 32.24 12.28 17.15
CA GLU B 107 31.90 11.04 17.85
C GLU B 107 30.43 10.98 18.31
N PRO B 108 29.80 12.06 18.78
CA PRO B 108 28.36 11.94 19.10
C PRO B 108 27.52 11.53 17.90
N ASP B 109 27.83 12.06 16.72
CA ASP B 109 27.07 11.70 15.52
C ASP B 109 27.30 10.25 15.13
N ALA B 110 28.54 9.77 15.24
CA ALA B 110 28.82 8.38 14.90
C ALA B 110 28.15 7.43 15.90
N GLN B 111 28.15 7.78 17.19
CA GLN B 111 27.43 6.98 18.18
C GLN B 111 25.93 6.96 17.88
N ARG B 112 25.34 8.11 17.57
CA ARG B 112 23.90 8.13 17.29
C ARG B 112 23.56 7.28 16.06
N PHE B 113 24.34 7.45 14.98
CA PHE B 113 24.15 6.62 13.79
C PHE B 113 24.30 5.14 14.12
N PHE B 114 25.31 4.79 14.92
CA PHE B 114 25.53 3.39 15.26
C PHE B 114 24.36 2.82 16.04
N HIS B 115 23.84 3.59 17.01
CA HIS B 115 22.63 3.20 17.73
C HIS B 115 21.51 2.86 16.78
N GLN B 116 21.27 3.74 15.81
CA GLN B 116 20.17 3.50 14.88
C GLN B 116 20.43 2.29 14.01
N LEU B 117 21.66 2.11 13.55
CA LEU B 117 22.01 0.93 12.77
C LEU B 117 21.77 -0.35 13.57
N MET B 118 22.15 -0.35 14.85
CA MET B 118 21.90 -1.52 15.70
C MET B 118 20.41 -1.77 15.85
N ALA B 119 19.62 -0.72 16.06
CA ALA B 119 18.18 -0.90 16.13
C ALA B 119 17.66 -1.59 14.88
N GLY B 120 18.08 -1.11 13.71
CA GLY B 120 17.60 -1.72 12.46
C GLY B 120 18.06 -3.15 12.29
N VAL B 121 19.34 -3.42 12.56
CA VAL B 121 19.88 -4.76 12.34
C VAL B 121 19.26 -5.75 13.32
N VAL B 122 19.10 -5.35 14.58
CA VAL B 122 18.48 -6.26 15.53
C VAL B 122 17.02 -6.51 15.16
N TYR B 123 16.32 -5.48 14.66
CA TYR B 123 14.97 -5.73 14.15
C TYR B 123 14.98 -6.78 13.05
N LEU B 124 15.88 -6.62 12.07
CA LEU B 124 15.94 -7.57 10.96
C LEU B 124 16.25 -8.99 11.45
N HIS B 125 17.25 -9.12 12.31
CA HIS B 125 17.62 -10.44 12.81
C HIS B 125 16.48 -11.07 13.59
N GLY B 126 15.73 -10.26 14.34
CA GLY B 126 14.58 -10.80 15.07
C GLY B 126 13.57 -11.46 14.16
N ILE B 127 13.31 -10.87 13.00
CA ILE B 127 12.31 -11.42 12.10
C ILE B 127 12.96 -12.38 11.11
N GLY B 128 14.24 -12.70 11.35
CA GLY B 128 14.92 -13.70 10.55
C GLY B 128 15.47 -13.24 9.23
N ILE B 129 15.69 -11.94 9.07
CA ILE B 129 16.22 -11.37 7.84
C ILE B 129 17.68 -11.00 8.05
N THR B 130 18.52 -11.26 7.05
CA THR B 130 19.85 -10.69 6.99
C THR B 130 20.00 -9.87 5.72
N HIS B 131 20.58 -8.67 5.86
CA HIS B 131 20.71 -7.73 4.76
C HIS B 131 21.85 -8.12 3.80
N ARG B 132 23.00 -8.49 4.36
CA ARG B 132 24.16 -9.07 3.67
C ARG B 132 24.98 -8.07 2.88
N ASP B 133 24.71 -6.77 2.97
CA ASP B 133 25.54 -5.80 2.28
C ASP B 133 25.51 -4.46 3.01
N ILE B 134 25.62 -4.50 4.32
CA ILE B 134 25.59 -3.27 5.13
C ILE B 134 26.86 -2.47 4.86
N LYS B 135 26.68 -1.22 4.45
CA LYS B 135 27.78 -0.30 4.20
C LYS B 135 27.20 1.11 4.13
N PRO B 136 28.04 2.15 4.32
CA PRO B 136 27.50 3.52 4.36
C PRO B 136 26.75 3.93 3.09
N GLU B 137 27.09 3.35 1.94
CA GLU B 137 26.40 3.68 0.70
C GLU B 137 24.94 3.23 0.72
N ASN B 138 24.61 2.22 1.54
CA ASN B 138 23.28 1.64 1.62
C ASN B 138 22.52 2.11 2.85
N LEU B 139 23.08 3.01 3.64
CA LEU B 139 22.43 3.53 4.83
C LEU B 139 22.01 4.96 4.52
N LEU B 140 20.70 5.19 4.46
CA LEU B 140 20.16 6.47 4.03
C LEU B 140 19.70 7.27 5.24
N LEU B 141 19.50 8.56 5.03
CA LEU B 141 19.09 9.46 6.10
C LEU B 141 17.82 10.19 5.70
N ASP B 142 16.88 10.29 6.63
CA ASP B 142 15.64 11.00 6.36
C ASP B 142 15.87 12.50 6.62
N GLU B 143 14.80 13.30 6.55
CA GLU B 143 14.95 14.74 6.75
C GLU B 143 15.38 15.10 8.15
N ARG B 144 15.30 14.17 9.11
CA ARG B 144 15.75 14.39 10.47
C ARG B 144 17.07 13.70 10.76
N ASP B 145 17.79 13.26 9.74
CA ASP B 145 19.04 12.51 9.88
C ASP B 145 18.84 11.24 10.72
N ASN B 146 17.69 10.60 10.55
CA ASN B 146 17.47 9.26 11.09
C ASN B 146 17.92 8.23 10.07
N LEU B 147 18.66 7.23 10.54
CA LEU B 147 19.26 6.25 9.64
C LEU B 147 18.26 5.19 9.25
N LYS B 148 18.30 4.81 7.98
CA LYS B 148 17.39 3.83 7.38
C LYS B 148 18.22 2.84 6.58
N ILE B 149 18.10 1.56 6.92
CA ILE B 149 18.73 0.52 6.12
C ILE B 149 17.96 0.36 4.82
N SER B 150 18.68 0.32 3.70
CA SER B 150 18.04 0.31 2.39
C SER B 150 18.64 -0.76 1.50
N ASP B 151 17.94 -1.01 0.39
CA ASP B 151 18.35 -1.93 -0.67
C ASP B 151 18.51 -3.36 -0.19
N PHE B 152 17.44 -4.14 -0.29
CA PHE B 152 17.41 -5.53 0.14
C PHE B 152 17.54 -6.50 -1.03
N GLY B 153 18.17 -6.07 -2.11
CA GLY B 153 18.38 -6.94 -3.26
C GLY B 153 19.25 -8.15 -2.99
N LEU B 154 20.12 -8.08 -1.98
CA LEU B 154 20.93 -9.22 -1.58
C LEU B 154 20.41 -9.90 -0.33
N ALA B 155 19.27 -9.46 0.19
CA ALA B 155 18.80 -9.99 1.46
C ALA B 155 18.22 -11.39 1.29
N THR B 156 18.20 -12.13 2.40
CA THR B 156 17.58 -13.44 2.43
C THR B 156 17.14 -13.74 3.85
N VAL B 157 16.40 -14.84 4.01
CA VAL B 157 15.92 -15.29 5.31
C VAL B 157 16.85 -16.39 5.80
N PHE B 158 17.34 -16.23 7.03
CA PHE B 158 18.23 -17.21 7.63
C PHE B 158 17.58 -17.98 8.78
N ARG B 159 16.32 -17.68 9.10
CA ARG B 159 15.63 -18.35 10.20
C ARG B 159 14.14 -18.25 9.96
N TYR B 160 13.46 -19.38 9.97
CA TYR B 160 12.03 -19.46 9.70
C TYR B 160 11.38 -20.34 10.75
N ASN B 161 10.54 -19.75 11.60
CA ASN B 161 9.86 -20.45 12.69
C ASN B 161 10.89 -21.13 13.61
N ASN B 162 11.81 -20.32 14.12
CA ASN B 162 12.83 -20.70 15.08
C ASN B 162 13.75 -21.81 14.58
N ARG B 163 13.72 -22.10 13.27
CA ARG B 163 14.64 -23.07 12.66
C ARG B 163 15.61 -22.26 11.80
N GLU B 164 16.89 -22.29 12.17
CA GLU B 164 17.92 -21.52 11.50
C GLU B 164 18.64 -22.37 10.46
N ARG B 165 19.28 -21.69 9.51
CA ARG B 165 20.12 -22.34 8.52
C ARG B 165 21.38 -21.52 8.32
N LEU B 166 22.43 -22.19 7.86
CA LEU B 166 23.69 -21.54 7.54
C LEU B 166 23.67 -21.01 6.12
N LEU B 167 24.55 -20.05 5.84
CA LEU B 167 24.60 -19.41 4.55
C LEU B 167 25.79 -19.92 3.74
N ASN B 168 25.57 -20.12 2.44
CA ASN B 168 26.59 -20.55 1.51
C ASN B 168 27.03 -19.47 0.54
N LYS B 169 26.11 -18.60 0.16
CA LYS B 169 26.40 -17.59 -0.87
C LYS B 169 27.56 -16.71 -0.45
N MET B 170 28.39 -16.34 -1.42
CA MET B 170 29.47 -15.37 -1.23
C MET B 170 29.03 -14.06 -1.88
N CYS B 171 28.56 -13.13 -1.06
CA CYS B 171 28.06 -11.86 -1.58
C CYS B 171 28.36 -10.76 -0.57
N GLY B 172 28.18 -9.52 -1.02
CA GLY B 172 28.47 -8.35 -0.21
C GLY B 172 29.46 -7.44 -0.90
N THR B 173 30.24 -6.73 -0.08
CA THR B 173 31.25 -5.80 -0.57
C THR B 173 32.54 -6.06 0.18
N LEU B 174 33.63 -6.28 -0.57
CA LEU B 174 34.83 -6.89 0.00
C LEU B 174 35.36 -6.19 1.25
N PRO B 175 35.53 -4.87 1.30
CA PRO B 175 36.01 -4.25 2.56
C PRO B 175 35.07 -4.44 3.75
N TYR B 176 33.84 -4.92 3.54
CA TYR B 176 32.86 -5.07 4.61
C TYR B 176 32.55 -6.51 4.95
N VAL B 177 33.03 -7.48 4.17
CA VAL B 177 32.67 -8.87 4.43
C VAL B 177 33.41 -9.37 5.66
N ALA B 178 32.82 -10.36 6.31
CA ALA B 178 33.44 -11.01 7.45
C ALA B 178 34.38 -12.11 6.97
N PRO B 179 35.47 -12.36 7.70
CA PRO B 179 36.48 -13.34 7.23
C PRO B 179 35.91 -14.70 6.91
N GLU B 180 34.93 -15.17 7.70
CA GLU B 180 34.37 -16.49 7.46
C GLU B 180 33.65 -16.59 6.12
N LEU B 181 33.20 -15.46 5.57
CA LEU B 181 32.59 -15.50 4.24
C LEU B 181 33.62 -15.84 3.18
N LEU B 182 34.83 -15.31 3.31
CA LEU B 182 35.91 -15.67 2.38
C LEU B 182 36.39 -17.10 2.63
N LYS B 183 36.68 -17.43 3.89
CA LYS B 183 37.45 -18.63 4.19
C LYS B 183 36.59 -19.88 4.34
N ARG B 184 35.43 -19.78 4.99
CA ARG B 184 34.64 -20.98 5.27
C ARG B 184 33.71 -21.30 4.10
N ARG B 185 33.05 -22.46 4.22
CA ARG B 185 32.07 -22.93 3.25
C ARG B 185 30.64 -22.60 3.64
N GLU B 186 30.33 -22.65 4.94
CA GLU B 186 29.04 -22.23 5.47
C GLU B 186 29.29 -21.41 6.72
N PHE B 187 28.30 -20.59 7.08
CA PHE B 187 28.47 -19.67 8.20
C PHE B 187 27.12 -19.15 8.67
N HIS B 188 27.11 -18.65 9.90
CA HIS B 188 25.92 -17.98 10.43
C HIS B 188 25.84 -16.55 9.90
N ALA B 189 24.60 -16.06 9.81
CA ALA B 189 24.34 -14.75 9.18
C ALA B 189 24.58 -13.58 10.13
N GLU B 190 24.13 -13.72 11.38
CA GLU B 190 24.17 -12.60 12.31
C GLU B 190 25.58 -12.09 12.57
N PRO B 191 26.60 -12.94 12.80
CA PRO B 191 27.96 -12.40 12.97
C PRO B 191 28.49 -11.70 11.73
N VAL B 192 28.11 -12.13 10.53
CA VAL B 192 28.49 -11.41 9.31
C VAL B 192 27.95 -9.98 9.34
N ASP B 193 26.65 -9.85 9.65
CA ASP B 193 26.08 -8.50 9.74
C ASP B 193 26.76 -7.67 10.82
N VAL B 194 27.05 -8.28 11.98
CA VAL B 194 27.74 -7.57 13.05
C VAL B 194 29.09 -7.05 12.55
N TRP B 195 29.82 -7.90 11.83
CA TRP B 195 31.12 -7.50 11.30
C TRP B 195 30.98 -6.26 10.43
N SER B 196 30.07 -6.32 9.43
CA SER B 196 29.93 -5.17 8.54
C SER B 196 29.58 -3.90 9.32
N CYS B 197 28.74 -4.02 10.36
CA CYS B 197 28.43 -2.85 11.18
C CYS B 197 29.68 -2.29 11.85
N GLY B 198 30.58 -3.16 12.30
CA GLY B 198 31.84 -2.69 12.87
C GLY B 198 32.70 -1.96 11.85
N ILE B 199 32.72 -2.46 10.61
CA ILE B 199 33.48 -1.75 9.57
C ILE B 199 32.86 -0.37 9.30
N VAL B 200 31.53 -0.29 9.27
CA VAL B 200 30.86 0.99 9.13
C VAL B 200 31.25 1.95 10.26
N LEU B 201 31.29 1.43 11.49
CA LEU B 201 31.67 2.29 12.62
C LEU B 201 33.10 2.80 12.45
N THR B 202 34.02 1.92 12.03
CA THR B 202 35.38 2.35 11.74
C THR B 202 35.37 3.48 10.73
N ALA B 203 34.63 3.30 9.62
CA ALA B 203 34.56 4.33 8.59
C ALA B 203 34.04 5.65 9.17
N MET B 204 33.02 5.58 10.03
CA MET B 204 32.44 6.79 10.58
C MET B 204 33.40 7.50 11.52
N LEU B 205 34.21 6.76 12.26
CA LEU B 205 35.08 7.39 13.25
C LEU B 205 36.40 7.88 12.64
N ALA B 206 36.94 7.14 11.68
CA ALA B 206 38.26 7.45 11.13
C ALA B 206 38.22 7.95 9.70
N GLY B 207 37.13 7.74 8.97
CA GLY B 207 37.07 8.23 7.62
C GLY B 207 37.85 7.43 6.60
N GLU B 208 38.17 6.18 6.91
CA GLU B 208 38.88 5.34 5.96
C GLU B 208 38.64 3.88 6.31
N LEU B 209 38.65 3.04 5.28
CA LEU B 209 38.47 1.60 5.45
C LEU B 209 39.81 0.94 5.73
N PRO B 210 39.86 0.00 6.67
CA PRO B 210 41.14 -0.60 7.04
C PRO B 210 41.73 -1.60 6.05
N TRP B 211 40.92 -2.26 5.23
CA TRP B 211 41.49 -3.28 4.35
C TRP B 211 40.54 -3.57 3.19
N ASP B 212 41.15 -4.00 2.07
CA ASP B 212 40.36 -4.43 0.91
C ASP B 212 39.50 -5.63 1.23
N GLN B 213 40.04 -6.58 1.99
CA GLN B 213 39.30 -7.78 2.38
C GLN B 213 39.97 -8.34 3.62
N PRO B 214 39.21 -9.01 4.50
CA PRO B 214 39.80 -9.59 5.72
C PRO B 214 40.47 -10.93 5.46
N SER B 215 41.53 -10.90 4.65
CA SER B 215 42.32 -12.08 4.37
C SER B 215 43.75 -11.86 4.87
N ASP B 216 44.46 -12.96 5.10
CA ASP B 216 45.85 -12.85 5.52
C ASP B 216 46.73 -12.26 4.42
N SER B 217 46.29 -12.29 3.17
CA SER B 217 47.01 -11.62 2.09
C SER B 217 47.16 -10.12 2.38
N CYS B 218 46.14 -9.53 3.00
CA CYS B 218 46.16 -8.10 3.27
C CYS B 218 46.95 -7.81 4.54
N GLN B 219 48.03 -7.04 4.41
CA GLN B 219 48.87 -6.76 5.57
C GLN B 219 48.15 -5.92 6.60
N GLU B 220 47.21 -5.08 6.18
CA GLU B 220 46.48 -4.24 7.13
C GLU B 220 45.63 -5.09 8.08
N TYR B 221 45.01 -6.16 7.55
CA TYR B 221 44.25 -7.05 8.41
C TYR B 221 45.15 -7.74 9.41
N SER B 222 46.34 -8.19 8.98
CA SER B 222 47.28 -8.81 9.89
C SER B 222 47.71 -7.83 10.98
N ASP B 223 48.06 -6.60 10.59
CA ASP B 223 48.42 -5.58 11.58
C ASP B 223 47.31 -5.39 12.59
N TRP B 224 46.05 -5.37 12.14
CA TRP B 224 44.94 -5.32 13.08
C TRP B 224 44.93 -6.53 14.01
N LYS B 225 45.23 -7.71 13.46
CA LYS B 225 45.22 -8.92 14.26
C LYS B 225 46.43 -9.02 15.20
N GLU B 226 47.43 -8.16 15.05
CA GLU B 226 48.50 -8.05 16.03
C GLU B 226 48.31 -6.84 16.94
N LYS B 227 47.11 -6.27 16.96
CA LYS B 227 46.77 -5.14 17.81
C LYS B 227 47.67 -3.94 17.54
N LYS B 228 48.17 -3.82 16.31
CA LYS B 228 49.01 -2.69 15.93
C LYS B 228 48.18 -1.43 15.79
N THR B 229 47.44 -1.07 16.83
CA THR B 229 46.51 0.06 16.81
C THR B 229 47.20 1.39 16.84
N TYR B 230 48.53 1.43 16.74
CA TYR B 230 49.26 2.68 16.56
C TYR B 230 49.26 3.14 15.11
N LEU B 231 48.90 2.27 14.17
CA LEU B 231 48.79 2.61 12.76
C LEU B 231 47.42 3.17 12.44
N ASN B 232 47.33 3.83 11.29
CA ASN B 232 46.03 4.22 10.76
C ASN B 232 45.24 2.97 10.37
N PRO B 233 43.90 3.00 10.48
CA PRO B 233 43.03 4.09 10.91
C PRO B 233 42.85 4.16 12.43
N TRP B 234 43.32 3.13 13.13
CA TRP B 234 42.98 2.96 14.53
C TRP B 234 43.53 4.08 15.41
N LYS B 235 44.68 4.64 15.05
CA LYS B 235 45.28 5.71 15.86
C LYS B 235 44.39 6.94 15.92
N LYS B 236 43.45 7.10 14.98
CA LYS B 236 42.52 8.22 14.97
C LYS B 236 41.27 7.97 15.83
N ILE B 237 41.06 6.74 16.29
CA ILE B 237 39.85 6.38 17.02
C ILE B 237 40.17 6.33 18.52
N ASP B 238 39.32 6.97 19.33
CA ASP B 238 39.48 7.00 20.77
C ASP B 238 39.42 5.60 21.38
N SER B 239 39.86 5.49 22.63
CA SER B 239 40.11 4.18 23.25
C SER B 239 38.83 3.40 23.50
N ALA B 240 37.74 4.08 23.88
CA ALA B 240 36.50 3.35 24.17
C ALA B 240 35.83 2.83 22.90
N PRO B 241 35.61 3.66 21.85
CA PRO B 241 35.16 3.08 20.57
C PRO B 241 36.10 2.01 20.06
N LEU B 242 37.41 2.22 20.21
CA LEU B 242 38.37 1.22 19.76
C LEU B 242 38.20 -0.09 20.52
N ALA B 243 37.87 -0.02 21.81
CA ALA B 243 37.60 -1.23 22.57
C ALA B 243 36.38 -1.96 22.03
N LEU B 244 35.32 -1.21 21.72
CA LEU B 244 34.16 -1.82 21.06
C LEU B 244 34.58 -2.51 19.76
N LEU B 245 35.38 -1.83 18.94
CA LEU B 245 35.80 -2.39 17.66
C LEU B 245 36.69 -3.61 17.83
N HIS B 246 37.51 -3.63 18.88
CA HIS B 246 38.26 -4.84 19.23
C HIS B 246 37.31 -5.99 19.52
N LYS B 247 36.16 -5.69 20.13
CA LYS B 247 35.19 -6.76 20.36
C LYS B 247 34.45 -7.17 19.08
N ILE B 248 34.25 -6.25 18.14
CA ILE B 248 33.43 -6.56 16.95
C ILE B 248 34.25 -7.22 15.85
N LEU B 249 35.38 -6.63 15.48
CA LEU B 249 36.20 -7.14 14.38
C LEU B 249 37.06 -8.30 14.88
N VAL B 250 36.38 -9.38 15.25
CA VAL B 250 36.99 -10.58 15.80
C VAL B 250 36.94 -11.68 14.74
N GLU B 251 38.10 -12.28 14.46
CA GLU B 251 38.21 -13.20 13.32
C GLU B 251 37.26 -14.38 13.46
N ASN B 252 37.21 -14.99 14.65
CA ASN B 252 36.36 -16.15 14.84
C ASN B 252 34.94 -15.70 15.13
N PRO B 253 33.96 -16.06 14.29
CA PRO B 253 32.59 -15.56 14.50
C PRO B 253 31.97 -16.01 15.81
N SER B 254 32.36 -17.18 16.33
CA SER B 254 31.78 -17.65 17.59
C SER B 254 32.35 -16.88 18.79
N ALA B 255 33.55 -16.31 18.66
CA ALA B 255 34.10 -15.40 19.66
C ALA B 255 33.71 -13.95 19.42
N ARG B 256 33.09 -13.65 18.27
CA ARG B 256 32.70 -12.29 17.95
C ARG B 256 31.54 -11.85 18.83
N ILE B 257 31.58 -10.58 19.25
CA ILE B 257 30.52 -10.06 20.09
C ILE B 257 29.18 -10.12 19.36
N THR B 258 28.11 -10.32 20.12
CA THR B 258 26.76 -10.26 19.61
C THR B 258 26.13 -8.91 19.98
N ILE B 259 25.04 -8.57 19.29
CA ILE B 259 24.37 -7.30 19.55
C ILE B 259 23.95 -7.16 21.01
N PRO B 260 23.36 -8.17 21.67
CA PRO B 260 22.98 -7.99 23.08
C PRO B 260 24.15 -7.57 23.97
N ASP B 261 25.37 -7.95 23.62
CA ASP B 261 26.54 -7.51 24.38
C ASP B 261 27.13 -6.21 23.87
N ILE B 262 26.87 -5.86 22.60
CA ILE B 262 27.19 -4.51 22.15
C ILE B 262 26.40 -3.50 22.96
N LYS B 263 25.13 -3.82 23.25
CA LYS B 263 24.31 -2.93 24.06
C LYS B 263 24.83 -2.76 25.48
N LYS B 264 25.76 -3.61 25.93
CA LYS B 264 26.38 -3.45 27.24
C LYS B 264 27.73 -2.76 27.18
N ASP B 265 28.24 -2.48 25.98
CA ASP B 265 29.57 -1.89 25.83
C ASP B 265 29.63 -0.50 26.46
N ARG B 266 30.80 -0.13 26.96
CA ARG B 266 30.95 1.14 27.68
C ARG B 266 30.74 2.33 26.76
N TRP B 267 31.40 2.33 25.60
CA TRP B 267 31.26 3.45 24.69
C TRP B 267 29.85 3.54 24.14
N TYR B 268 29.23 2.40 23.84
CA TYR B 268 27.86 2.37 23.34
C TYR B 268 26.93 3.14 24.27
N ASN B 269 27.16 3.06 25.58
CA ASN B 269 26.30 3.70 26.56
C ASN B 269 26.88 4.98 27.12
N LYS B 270 27.98 5.45 26.57
CA LYS B 270 28.67 6.62 27.11
C LYS B 270 27.98 7.89 26.65
N PRO B 271 27.51 8.74 27.57
CA PRO B 271 26.99 10.05 27.15
C PRO B 271 28.09 10.89 26.53
N LEU B 272 27.79 11.46 25.37
CA LEU B 272 28.73 12.28 24.62
C LEU B 272 28.14 13.66 24.42
N LYS B 273 28.92 14.70 24.70
CA LYS B 273 28.44 16.07 24.61
C LYS B 273 28.63 16.61 23.20
N LYS B 274 27.65 17.39 22.75
CA LYS B 274 27.66 17.98 21.41
C LYS B 274 28.55 19.22 21.32
N GLU C 2 -6.12 11.41 1.45
CA GLU C 2 -5.07 12.44 1.51
C GLU C 2 -3.70 11.79 1.50
N GLU C 3 -3.59 10.58 2.08
CA GLU C 3 -2.34 9.82 2.11
C GLU C 3 -2.59 8.44 1.52
N LEU C 4 -2.32 8.30 0.22
CA LEU C 4 -2.57 7.03 -0.45
C LEU C 4 -1.55 5.97 -0.06
N LEU C 5 -0.34 6.38 0.34
CA LEU C 5 0.69 5.41 0.68
C LEU C 5 0.32 4.59 1.91
N ASN C 6 -0.52 5.15 2.78
CA ASN C 6 -1.03 4.45 3.94
C ASN C 6 -2.45 3.94 3.75
N LEU C 7 -2.96 3.94 2.51
CA LEU C 7 -4.31 3.45 2.23
C LEU C 7 -5.35 4.21 3.05
N CYS C 8 -5.21 5.54 3.09
CA CYS C 8 -6.08 6.40 3.88
C CYS C 8 -6.02 6.04 5.37
N SEP C 9 -7.12 5.52 5.92
CA SEP C 9 -7.16 5.21 7.34
CB SEP C 9 -8.60 5.05 7.83
OG SEP C 9 -9.11 3.77 7.50
C SEP C 9 -6.38 3.93 7.68
O SEP C 9 -6.40 3.47 8.83
P SEP C 9 -10.60 3.95 6.92
O1P SEP C 9 -11.10 2.58 6.25
O2P SEP C 9 -10.57 5.12 5.81
O3P SEP C 9 -11.61 4.34 8.12
N GLY C 10 -5.68 3.37 6.70
CA GLY C 10 -4.81 2.23 6.92
C GLY C 10 -3.67 2.56 7.86
N LYS C 11 -3.42 3.87 8.01
CA LYS C 11 -2.56 4.45 9.05
C LYS C 11 -1.28 3.69 9.30
N GLU D 3 5.15 -18.56 0.33
CA GLU D 3 5.51 -17.84 -0.88
C GLU D 3 7.00 -17.49 -0.86
N LEU D 4 7.61 -17.58 0.31
CA LEU D 4 8.97 -17.10 0.52
C LEU D 4 10.00 -18.22 0.55
N LEU D 5 9.69 -19.34 1.21
CA LEU D 5 10.71 -20.36 1.44
C LEU D 5 11.24 -20.96 0.13
N ASN D 6 10.39 -21.01 -0.91
CA ASN D 6 10.86 -21.48 -2.20
C ASN D 6 11.81 -20.49 -2.87
N LEU D 7 11.72 -19.20 -2.53
CA LEU D 7 12.58 -18.19 -3.12
C LEU D 7 13.97 -18.15 -2.49
N CYS D 8 14.13 -18.71 -1.29
CA CYS D 8 15.43 -18.75 -0.63
C CYS D 8 16.39 -19.68 -1.36
N SEP D 9 17.66 -19.31 -1.40
CA SEP D 9 18.69 -20.09 -2.07
CB SEP D 9 19.90 -19.23 -2.38
OG SEP D 9 20.67 -18.99 -1.21
C SEP D 9 19.09 -21.29 -1.20
O SEP D 9 20.07 -21.97 -1.50
P SEP D 9 20.47 -17.50 -0.66
O1P SEP D 9 21.27 -17.33 0.72
O2P SEP D 9 18.89 -17.23 -0.39
O3P SEP D 9 21.00 -16.44 -1.73
N GLY D 10 18.34 -21.52 -0.13
CA GLY D 10 18.63 -22.61 0.79
C GLY D 10 17.40 -23.20 1.45
N LYS D 11 17.54 -24.43 1.93
CA LYS D 11 16.46 -25.15 2.57
C LYS D 11 16.60 -25.11 4.08
N PHE D 12 15.48 -25.24 4.78
CA PHE D 12 15.48 -25.27 6.23
C PHE D 12 15.26 -26.69 6.75
O4 STU E . -29.63 13.04 -2.64
C25 STU E . -30.36 12.60 -3.76
C24 STU E . -30.72 11.13 -3.75
C23 STU E . -30.16 10.49 -2.46
C22 STU E . -28.66 10.80 -2.43
C21 STU E . -28.48 12.33 -2.28
C26 STU E . -28.36 12.56 -0.77
N2 STU E . -27.26 12.75 -3.03
C18 STU E . -27.33 13.15 -4.37
C19 STU E . -28.43 13.28 -5.24
C6 STU E . -28.25 13.72 -6.55
C7 STU E . -26.94 14.03 -7.02
C10 STU E . -25.86 13.87 -6.16
C11 STU E . -26.05 13.45 -4.85
C12 STU E . -25.14 13.22 -3.73
C17 STU E . -25.92 12.78 -2.64
C16 STU E . -25.26 12.48 -1.43
C15 STU E . -23.88 12.64 -1.37
C14 STU E . -23.13 13.06 -2.45
C13 STU E . -23.76 13.35 -3.65
C9 STU E . -24.64 14.27 -6.95
N1 STU E . -25.11 14.62 -8.29
C8 STU E . -26.44 14.49 -8.32
O5 STU E . -27.13 14.70 -9.30
C5 STU E . -29.57 13.74 -7.16
C20 STU E . -30.49 13.32 -6.17
C1 STU E . -31.86 13.24 -6.43
C2 STU E . -32.25 13.58 -7.72
C3 STU E . -31.37 13.99 -8.70
C4 STU E . -30.01 14.09 -8.44
N3 STU E . -29.76 13.05 -5.01
O6 STU E . -28.20 10.41 -3.74
C27 STU E . -27.00 9.64 -3.63
N4 STU E . -30.42 9.03 -2.51
C28 STU E . -30.16 8.48 -1.17
C1 EDO F . -36.96 -18.81 -11.72
O1 EDO F . -36.92 -19.07 -13.13
C2 EDO F . -37.70 -19.93 -10.98
O2 EDO F . -36.82 -21.03 -10.77
C1 EDO G . -35.41 2.71 -17.40
O1 EDO G . -36.09 3.67 -16.58
C2 EDO G . -35.71 1.30 -16.90
O2 EDO G . -37.06 0.95 -17.25
C1 EDO H . -31.08 -10.81 12.20
O1 EDO H . -30.94 -9.43 11.88
C2 EDO H . -32.51 -11.28 11.92
O2 EDO H . -32.84 -10.96 10.57
O4 STU I . 20.58 5.31 -5.08
C25 STU I . 20.90 6.31 -4.16
C24 STU I . 22.12 6.00 -3.30
C23 STU I . 22.73 4.66 -3.76
C22 STU I . 21.62 3.63 -3.62
C21 STU I . 20.52 3.99 -4.62
C26 STU I . 20.83 3.21 -5.89
N2 STU I . 19.21 3.66 -4.01
C18 STU I . 18.46 4.59 -3.29
C19 STU I . 18.70 5.93 -3.01
C6 STU I . 17.80 6.69 -2.26
C7 STU I . 16.61 6.06 -1.78
C10 STU I . 16.39 4.73 -2.04
C11 STU I . 17.30 3.98 -2.79
C12 STU I . 17.35 2.60 -3.24
C17 STU I . 18.54 2.44 -3.98
C16 STU I . 18.84 1.18 -4.52
C15 STU I . 17.94 0.15 -4.33
C14 STU I . 16.78 0.33 -3.60
C13 STU I . 16.45 1.55 -3.04
C9 STU I . 15.08 4.36 -1.40
N1 STU I . 14.59 5.58 -0.75
C8 STU I . 15.48 6.56 -0.96
O5 STU I . 15.36 7.71 -0.55
C5 STU I . 18.36 8.03 -2.17
C20 STU I . 19.58 8.01 -2.88
C1 STU I . 20.37 9.14 -2.99
C2 STU I . 19.91 10.30 -2.38
C3 STU I . 18.71 10.33 -1.67
C4 STU I . 17.92 9.20 -1.55
N3 STU I . 19.76 6.71 -3.37
O6 STU I . 21.11 3.79 -2.29
C27 STU I . 21.03 2.51 -1.66
N4 STU I . 23.88 4.31 -2.90
C28 STU I . 24.40 3.01 -3.34
C1 EDO J . 19.57 -0.20 19.75
O1 EDO J . 20.17 -0.02 21.04
C2 EDO J . 19.54 -1.68 19.40
O2 EDO J . 18.59 -2.36 20.22
C1 EDO K . 26.73 -13.77 3.62
O1 EDO K . 25.79 -12.99 4.35
C2 EDO K . 26.14 -14.27 2.31
O2 EDO K . 25.24 -15.37 2.53
C1 EDO L . 30.99 0.37 -3.62
O1 EDO L . 30.25 0.08 -2.43
C2 EDO L . 31.40 -0.93 -4.29
O2 EDO L . 30.24 -1.73 -4.56
C1 EDO M . 27.67 14.46 10.93
O1 EDO M . 28.59 14.66 9.85
C2 EDO M . 26.37 13.87 10.41
O2 EDO M . 25.87 14.69 9.35
ZN ZN N . -6.85 9.59 0.67
#